data_4NO0
#
_entry.id   4NO0
#
_cell.length_a   117.300
_cell.length_b   117.300
_cell.length_c   96.100
_cell.angle_alpha   90.00
_cell.angle_beta   90.00
_cell.angle_gamma   120.00
#
_symmetry.space_group_name_H-M   'P 31 2 1'
#
loop_
_entity.id
_entity.type
_entity.pdbx_description
1 polymer 'HLA class I histocompatibility antigen, A-2 alpha chain'
2 polymer Beta-2-microglobulin
3 polymer 'Lymphocyte-specific protein 1'
4 polymer 'Leukocyte immunoglobulin-like receptor subfamily B member 1'
5 non-polymer 1,2-ETHANEDIOL
6 water water
#
loop_
_entity_poly.entity_id
_entity_poly.type
_entity_poly.pdbx_seq_one_letter_code
_entity_poly.pdbx_strand_id
1 'polypeptide(L)'
;GSHSMRYFFTSVSRPGRGEPRFIAVGYVDDTQFVRFDSDAASQRMEPRAPWIEQEGPEYWDGETRKVKAHSQTHRVDLGT
LRGYYNQSEAGSHTVQRMYGCDVGSDWRFLRGYHQYAYDGKDYIALKEDLRSWTAADMAAQTTKHKWEAAHVAEQLRAYL
EGTCVEWLRRYLENGKETLQRTDAPKTHMTHHAVSDHEATLRCWALSFYPAEITLTWQRDGEDQTQDTELVETRPAGDGT
FQKWAAVVVPSGQEQRYTCHVQHEGLPKPLTLRWEP
;
A
2 'polypeptide(L)'
;IQRTPKIQVYSRHPAENGKSNFLNCYVSGFHPSDIEVDLLKNGERIEKVEHSDLSFSKDWSFYLLYYTEFTPTEKDEYAC
RVNHVTLSQPKIVKWDRDM
;
B
3 'polypeptide(L)' RQASIELPSMAV C
4 'polypeptide(L)'
;PKPTLWAEPGSVITQGSPVTLRCQGGQETQEYRLYREKKTAPWITRIPQELVKKGQFPIPSITWEHAGRYRCYYGSDTAG
RSESSDPLELVVTGAYIKPTLSAQPSPVVNSGGNVTLQCDSQVAFDGFILCKEGEDEHPQCLNSQPHARGSSRAIFSVGP
VSPSRRWWYRCYAYDSNSPYEWSLPSDLLELLVLG
;
D
#
# COMPACT_ATOMS: atom_id res chain seq x y z
N GLY A 1 8.97 -19.25 -21.49
CA GLY A 1 7.49 -19.42 -21.33
C GLY A 1 6.69 -18.32 -22.01
N SER A 2 5.49 -18.02 -21.47
CA SER A 2 4.65 -16.95 -22.02
C SER A 2 5.17 -15.60 -21.60
N HIS A 3 4.99 -14.60 -22.46
CA HIS A 3 5.62 -13.30 -22.28
C HIS A 3 4.63 -12.16 -22.47
N SER A 4 4.99 -10.98 -22.00
CA SER A 4 4.19 -9.78 -22.25
C SER A 4 5.09 -8.57 -22.50
N MET A 5 4.62 -7.67 -23.37
CA MET A 5 5.11 -6.30 -23.38
C MET A 5 4.01 -5.32 -22.95
N ARG A 6 4.40 -4.29 -22.23
CA ARG A 6 3.44 -3.40 -21.57
C ARG A 6 3.97 -2.01 -21.42
N TYR A 7 3.11 -1.05 -21.75
CA TYR A 7 3.44 0.34 -21.60
C TYR A 7 2.49 1.06 -20.59
N PHE A 8 3.03 1.95 -19.77
CA PHE A 8 2.28 2.54 -18.67
C PHE A 8 2.48 4.04 -18.67
N PHE A 9 1.40 4.79 -18.92
CA PHE A 9 1.50 6.21 -19.02
C PHE A 9 0.63 6.85 -17.99
N THR A 10 1.16 7.89 -17.39
CA THR A 10 0.55 8.64 -16.34
C THR A 10 0.84 10.16 -16.56
N SER A 11 -0.23 10.96 -16.60
CA SER A 11 -0.09 12.40 -16.80
C SER A 11 -0.88 13.13 -15.72
N VAL A 12 -0.29 14.18 -15.15
CA VAL A 12 -0.90 14.84 -14.00
C VAL A 12 -0.80 16.36 -14.08
N SER A 13 -1.88 17.05 -13.70
CA SER A 13 -1.92 18.48 -13.89
C SER A 13 -1.38 19.28 -12.71
N ARG A 14 -0.71 20.39 -12.97
CA ARG A 14 -0.26 21.24 -11.88
C ARG A 14 -0.75 22.66 -12.10
N PRO A 15 -1.81 23.02 -11.38
CA PRO A 15 -2.50 24.32 -11.46
C PRO A 15 -1.62 25.48 -11.03
N GLY A 16 -1.46 26.46 -11.93
CA GLY A 16 -0.60 27.63 -11.70
C GLY A 16 0.85 27.31 -11.99
N ARG A 17 1.26 26.06 -11.76
CA ARG A 17 2.62 25.64 -12.03
C ARG A 17 2.79 25.22 -13.49
N GLY A 18 1.94 25.75 -14.36
CA GLY A 18 2.17 25.68 -15.79
C GLY A 18 1.92 24.29 -16.34
N GLU A 19 2.90 23.75 -17.04
CA GLU A 19 2.74 22.50 -17.79
C GLU A 19 2.62 21.29 -16.86
N PRO A 20 1.79 20.28 -17.24
CA PRO A 20 1.62 19.13 -16.40
C PRO A 20 2.80 18.16 -16.47
N ARG A 21 2.99 17.42 -15.36
CA ARG A 21 3.97 16.36 -15.25
C ARG A 21 3.51 15.13 -16.02
N PHE A 22 4.44 14.52 -16.73
CA PHE A 22 4.16 13.33 -17.50
C PHE A 22 5.23 12.25 -17.31
N ILE A 23 4.78 11.01 -17.20
CA ILE A 23 5.72 9.90 -17.10
C ILE A 23 5.28 8.70 -17.92
N ALA A 24 6.25 7.91 -18.37
CA ALA A 24 5.92 6.75 -19.17
C ALA A 24 7.07 5.79 -19.02
N VAL A 25 6.77 4.50 -19.20
CA VAL A 25 7.74 3.41 -18.97
C VAL A 25 7.18 2.12 -19.54
N GLY A 26 8.08 1.32 -20.14
CA GLY A 26 7.74 0.04 -20.80
C GLY A 26 8.38 -1.17 -20.16
N TYR A 27 7.74 -2.31 -20.32
CA TYR A 27 8.17 -3.52 -19.66
C TYR A 27 8.02 -4.66 -20.59
N VAL A 28 8.90 -5.61 -20.38
CA VAL A 28 8.88 -6.87 -21.05
C VAL A 28 8.85 -7.78 -19.86
N ASP A 29 7.62 -8.17 -19.48
CA ASP A 29 7.33 -8.91 -18.23
C ASP A 29 7.58 -8.07 -16.96
N ASP A 30 8.46 -8.53 -16.06
CA ASP A 30 8.79 -7.76 -14.84
C ASP A 30 10.08 -6.98 -14.92
N THR A 31 10.49 -6.55 -16.10
CA THR A 31 11.72 -5.77 -16.24
C THR A 31 11.46 -4.47 -17.00
N GLN A 32 11.81 -3.35 -16.36
CA GLN A 32 11.69 -2.05 -17.00
C GLN A 32 12.83 -1.85 -17.98
N PHE A 33 12.53 -1.29 -19.17
CA PHE A 33 13.60 -0.92 -20.12
C PHE A 33 13.70 0.49 -20.62
N VAL A 34 12.55 1.14 -20.80
CA VAL A 34 12.51 2.52 -21.25
C VAL A 34 11.81 3.43 -20.25
N ARG A 35 12.19 4.70 -20.25
CA ARG A 35 11.60 5.62 -19.30
C ARG A 35 11.59 7.03 -19.82
N PHE A 36 10.43 7.69 -19.74
CA PHE A 36 10.39 9.13 -19.99
C PHE A 36 9.86 9.86 -18.79
N ASP A 37 10.48 10.99 -18.48
CA ASP A 37 9.93 11.89 -17.46
C ASP A 37 9.91 13.32 -17.99
N SER A 38 8.71 13.90 -18.14
CA SER A 38 8.53 15.28 -18.60
C SER A 38 9.34 16.27 -17.76
N ASP A 39 9.52 15.97 -16.48
CA ASP A 39 10.35 16.78 -15.58
C ASP A 39 11.84 16.51 -15.77
N ALA A 40 12.16 15.27 -16.18
CA ALA A 40 13.53 14.78 -16.40
C ALA A 40 14.33 15.72 -17.26
N ALA A 41 15.45 16.17 -16.70
CA ALA A 41 16.31 17.14 -17.36
C ALA A 41 16.72 16.76 -18.81
N SER A 42 16.59 15.48 -19.17
CA SER A 42 17.03 14.98 -20.49
C SER A 42 16.11 15.38 -21.63
N GLN A 43 14.80 15.35 -21.38
CA GLN A 43 13.78 15.71 -22.39
C GLN A 43 13.79 14.72 -23.55
N ARG A 44 14.17 13.49 -23.22
CA ARG A 44 14.35 12.41 -24.18
C ARG A 44 13.87 11.11 -23.54
N MET A 45 13.65 10.09 -24.38
CA MET A 45 13.27 8.76 -23.92
C MET A 45 14.54 7.99 -23.62
N GLU A 46 15.00 8.13 -22.36
CA GLU A 46 16.18 7.44 -21.81
C GLU A 46 16.07 5.88 -21.81
N PRO A 47 17.25 5.12 -21.82
CA PRO A 47 17.27 3.63 -21.67
C PRO A 47 17.35 3.17 -20.20
N ARG A 48 16.85 1.98 -19.89
CA ARG A 48 16.86 1.52 -18.50
C ARG A 48 17.50 0.16 -18.31
N ALA A 49 17.62 -0.59 -19.39
CA ALA A 49 18.09 -1.97 -19.30
C ALA A 49 19.44 -2.03 -20.02
N PRO A 50 20.24 -3.10 -19.81
CA PRO A 50 21.50 -3.13 -20.58
C PRO A 50 21.30 -3.48 -22.08
N TRP A 51 20.38 -4.41 -22.35
CA TRP A 51 20.12 -4.93 -23.69
C TRP A 51 19.31 -3.99 -24.61
N ILE A 52 19.02 -2.78 -24.13
CA ILE A 52 18.42 -1.75 -24.96
C ILE A 52 19.44 -0.67 -25.31
N GLU A 53 20.48 -0.55 -24.50
CA GLU A 53 21.62 0.31 -24.82
C GLU A 53 22.14 0.01 -26.22
N GLN A 54 21.35 -0.69 -27.02
CA GLN A 54 21.85 -1.37 -28.21
C GLN A 54 21.27 -0.75 -29.48
N GLU A 55 20.51 0.31 -29.31
CA GLU A 55 19.70 0.86 -30.40
C GLU A 55 20.24 2.21 -30.87
N GLY A 56 20.41 2.35 -32.17
CA GLY A 56 20.98 3.58 -32.75
C GLY A 56 20.09 4.78 -32.53
N PRO A 57 20.64 6.00 -32.73
CA PRO A 57 19.82 7.20 -32.57
C PRO A 57 18.51 7.20 -33.38
N GLU A 58 18.35 6.24 -34.28
CA GLU A 58 17.09 6.09 -35.01
C GLU A 58 15.92 5.78 -34.06
N TYR A 59 16.20 4.98 -33.04
CA TYR A 59 15.20 4.57 -32.06
C TYR A 59 14.96 5.68 -31.05
N TRP A 60 16.07 6.19 -30.47
CA TRP A 60 16.04 7.26 -29.47
C TRP A 60 15.46 8.57 -30.00
N ASP A 61 15.14 8.60 -31.29
CA ASP A 61 14.50 9.77 -31.85
C ASP A 61 13.02 9.50 -32.14
N GLY A 62 12.67 8.22 -32.30
CA GLY A 62 11.26 7.85 -32.67
C GLY A 62 10.49 7.74 -31.35
N GLU A 63 11.02 6.89 -30.46
CA GLU A 63 10.41 6.66 -29.17
C GLU A 63 10.43 7.94 -28.37
N THR A 64 11.22 8.92 -28.81
CA THR A 64 11.24 10.21 -28.08
C THR A 64 10.33 11.25 -28.69
N ARG A 65 10.36 11.28 -30.04
CA ARG A 65 9.32 11.98 -30.77
C ARG A 65 7.92 11.51 -30.34
N LYS A 66 7.72 10.15 -30.29
CA LYS A 66 6.40 9.54 -30.03
C LYS A 66 5.78 9.80 -28.62
N VAL A 67 6.65 9.76 -27.61
CA VAL A 67 6.22 10.03 -26.24
C VAL A 67 5.80 11.51 -26.02
N LYS A 68 6.46 12.43 -26.73
CA LYS A 68 6.10 13.87 -26.66
C LYS A 68 4.73 14.07 -27.31
N ALA A 69 4.41 13.22 -28.29
CA ALA A 69 3.10 13.18 -28.91
C ALA A 69 2.04 12.76 -27.89
N HIS A 70 2.28 11.61 -27.26
CA HIS A 70 1.37 11.04 -26.27
C HIS A 70 1.13 12.06 -25.16
N SER A 71 2.24 12.65 -24.73
CA SER A 71 2.23 13.67 -23.70
C SER A 71 1.32 14.83 -24.09
N GLN A 72 1.34 15.17 -25.37
CA GLN A 72 0.54 16.26 -25.92
C GLN A 72 -0.96 15.92 -25.97
N THR A 73 -1.30 14.69 -26.38
CA THR A 73 -2.69 14.21 -26.28
C THR A 73 -3.20 14.30 -24.83
N HIS A 74 -2.48 13.66 -23.93
CA HIS A 74 -2.84 13.73 -22.52
C HIS A 74 -2.99 15.18 -22.00
N ARG A 75 -2.23 16.10 -22.59
CA ARG A 75 -2.29 17.52 -22.25
C ARG A 75 -3.68 18.08 -22.51
N VAL A 76 -4.39 17.47 -23.46
CA VAL A 76 -5.68 17.95 -23.88
C VAL A 76 -6.77 17.24 -23.09
N ASP A 77 -6.64 15.93 -22.99
CA ASP A 77 -7.60 15.13 -22.22
C ASP A 77 -7.77 15.69 -20.83
N LEU A 78 -6.67 15.97 -20.16
CA LEU A 78 -6.77 16.62 -18.85
C LEU A 78 -7.78 17.77 -18.80
N GLY A 79 -7.83 18.60 -19.84
CA GLY A 79 -8.83 19.66 -19.90
C GLY A 79 -10.26 19.20 -20.31
N THR A 80 -10.34 18.27 -21.26
CA THR A 80 -11.60 17.77 -21.63
C THR A 80 -12.34 17.20 -20.42
N LEU A 81 -11.70 16.27 -19.72
CA LEU A 81 -12.34 15.61 -18.60
C LEU A 81 -12.70 16.62 -17.52
N ARG A 82 -11.85 17.63 -17.29
CA ARG A 82 -12.17 18.68 -16.31
C ARG A 82 -13.52 19.32 -16.60
N GLY A 83 -13.92 19.28 -17.87
CA GLY A 83 -15.19 19.80 -18.30
C GLY A 83 -16.21 18.70 -18.24
N TYR A 84 -15.94 17.57 -18.90
CA TYR A 84 -16.81 16.37 -18.82
C TYR A 84 -17.32 16.06 -17.38
N TYR A 85 -16.53 16.40 -16.35
CA TYR A 85 -16.99 16.25 -14.97
C TYR A 85 -17.09 17.60 -14.25
N ASN A 86 -17.20 18.67 -15.04
CA ASN A 86 -17.25 20.04 -14.56
C ASN A 86 -16.56 20.29 -13.23
N GLN A 87 -15.23 20.17 -13.24
CA GLN A 87 -14.47 20.49 -12.04
C GLN A 87 -13.86 21.90 -12.10
N SER A 88 -13.62 22.50 -10.95
CA SER A 88 -12.98 23.79 -10.89
C SER A 88 -11.63 23.87 -11.66
N GLU A 89 -11.19 25.10 -12.01
CA GLU A 89 -9.87 25.30 -12.61
C GLU A 89 -8.75 24.85 -11.64
N ALA A 90 -8.99 25.05 -10.34
CA ALA A 90 -8.06 24.60 -9.28
C ALA A 90 -8.03 23.07 -9.16
N GLY A 91 -7.16 22.52 -8.32
CA GLY A 91 -7.16 21.06 -8.08
C GLY A 91 -6.44 20.19 -9.12
N SER A 92 -5.66 19.22 -8.63
CA SER A 92 -4.92 18.33 -9.53
C SER A 92 -5.72 17.08 -9.98
N HIS A 93 -5.46 16.61 -11.20
CA HIS A 93 -6.14 15.43 -11.74
C HIS A 93 -5.17 14.60 -12.52
N THR A 94 -5.51 13.32 -12.71
CA THR A 94 -4.63 12.31 -13.29
C THR A 94 -5.37 11.51 -14.34
N VAL A 95 -4.68 11.17 -15.41
CA VAL A 95 -5.20 10.25 -16.42
C VAL A 95 -4.08 9.25 -16.61
N GLN A 96 -4.44 7.99 -16.84
CA GLN A 96 -3.45 6.94 -16.95
C GLN A 96 -3.91 6.01 -18.05
N ARG A 97 -2.93 5.40 -18.70
CA ARG A 97 -3.23 4.47 -19.78
C ARG A 97 -2.20 3.37 -19.75
N MET A 98 -2.62 2.22 -20.21
CA MET A 98 -1.75 1.09 -20.23
C MET A 98 -2.05 0.22 -21.41
N TYR A 99 -1.01 -0.18 -22.14
CA TYR A 99 -1.27 -1.03 -23.31
C TYR A 99 -0.10 -1.96 -23.52
N GLY A 100 -0.45 -3.12 -24.11
CA GLY A 100 0.50 -4.11 -24.51
C GLY A 100 -0.19 -5.35 -25.02
N CYS A 101 0.66 -6.34 -25.31
CA CYS A 101 0.22 -7.57 -25.97
C CYS A 101 0.83 -8.69 -25.19
N ASP A 102 0.12 -9.81 -25.20
CA ASP A 102 0.62 -10.99 -24.57
C ASP A 102 0.97 -11.95 -25.70
N VAL A 103 2.26 -12.18 -25.90
CA VAL A 103 2.68 -13.31 -26.73
C VAL A 103 2.44 -14.60 -25.96
N GLY A 104 1.55 -15.45 -26.46
CA GLY A 104 1.31 -16.78 -25.85
C GLY A 104 2.57 -17.64 -25.74
N SER A 105 2.39 -18.88 -25.31
CA SER A 105 3.50 -19.79 -25.08
C SER A 105 4.40 -19.89 -26.30
N ASP A 106 3.79 -20.15 -27.46
CA ASP A 106 4.53 -20.51 -28.65
C ASP A 106 5.14 -19.28 -29.32
N TRP A 107 5.20 -18.18 -28.57
CA TRP A 107 5.77 -16.91 -29.09
C TRP A 107 4.98 -16.23 -30.22
N ARG A 108 3.75 -16.68 -30.44
CA ARG A 108 2.80 -15.94 -31.27
C ARG A 108 1.67 -15.37 -30.43
N PHE A 109 0.94 -14.42 -31.01
CA PHE A 109 0.24 -13.40 -30.23
C PHE A 109 -1.08 -13.93 -29.69
N LEU A 110 -1.38 -13.61 -28.44
CA LEU A 110 -2.37 -14.38 -27.66
C LEU A 110 -3.48 -13.42 -27.19
N ARG A 111 -3.09 -12.19 -26.83
CA ARG A 111 -4.04 -11.23 -26.27
C ARG A 111 -3.48 -9.84 -26.38
N GLY A 112 -4.38 -8.90 -26.68
CA GLY A 112 -4.05 -7.45 -26.70
C GLY A 112 -4.95 -6.73 -25.70
N TYR A 113 -4.51 -5.54 -25.27
CA TYR A 113 -5.31 -4.73 -24.33
C TYR A 113 -4.90 -3.25 -24.32
N HIS A 114 -5.89 -2.39 -24.06
CA HIS A 114 -5.70 -0.93 -23.99
C HIS A 114 -6.78 -0.41 -23.07
N GLN A 115 -6.34 0.21 -21.96
CA GLN A 115 -7.25 0.59 -20.89
C GLN A 115 -6.99 2.03 -20.52
N TYR A 116 -8.05 2.76 -20.17
CA TYR A 116 -7.91 4.16 -19.86
C TYR A 116 -8.54 4.45 -18.52
N ALA A 117 -7.92 5.38 -17.78
CA ALA A 117 -8.37 5.76 -16.46
C ALA A 117 -8.25 7.24 -16.12
N TYR A 118 -9.32 7.77 -15.56
CA TYR A 118 -9.30 9.14 -15.05
C TYR A 118 -9.39 9.19 -13.54
N ASP A 119 -8.58 10.04 -12.95
CA ASP A 119 -8.56 10.16 -11.51
C ASP A 119 -8.52 8.86 -10.68
N GLY A 120 -7.80 7.85 -11.17
CA GLY A 120 -7.79 6.52 -10.60
C GLY A 120 -8.88 5.52 -10.99
N LYS A 121 -9.97 5.96 -11.59
CA LYS A 121 -11.05 5.04 -11.83
C LYS A 121 -11.09 4.71 -13.32
N ASP A 122 -11.61 3.54 -13.65
CA ASP A 122 -11.80 3.14 -15.04
C ASP A 122 -12.53 4.21 -15.82
N TYR A 123 -12.00 4.56 -16.99
CA TYR A 123 -12.73 5.41 -17.94
C TYR A 123 -13.22 4.81 -19.26
N ILE A 124 -12.33 4.09 -19.94
CA ILE A 124 -12.69 3.43 -21.18
C ILE A 124 -11.69 2.23 -21.37
N ALA A 125 -12.19 1.12 -21.93
CA ALA A 125 -11.29 0.01 -22.29
C ALA A 125 -11.66 -0.64 -23.61
N LEU A 126 -10.64 -0.85 -24.42
CA LEU A 126 -10.74 -1.65 -25.63
C LEU A 126 -11.05 -3.09 -25.21
N LYS A 127 -12.25 -3.59 -25.52
CA LYS A 127 -12.63 -4.98 -25.23
C LYS A 127 -11.77 -6.05 -25.97
N GLU A 128 -12.06 -7.33 -25.77
CA GLU A 128 -11.27 -8.39 -26.40
C GLU A 128 -10.81 -8.42 -27.88
N ASP A 129 -11.78 -8.33 -28.78
CA ASP A 129 -11.58 -8.56 -30.24
C ASP A 129 -10.75 -7.40 -30.85
N LEU A 130 -10.45 -6.38 -30.05
CA LEU A 130 -9.73 -5.18 -30.51
C LEU A 130 -10.45 -4.45 -31.66
N ARG A 131 -11.77 -4.49 -31.61
CA ARG A 131 -12.60 -3.87 -32.63
C ARG A 131 -13.89 -3.31 -32.01
N SER A 132 -13.96 -3.31 -30.67
CA SER A 132 -15.05 -2.71 -29.86
C SER A 132 -14.54 -2.09 -28.51
N TRP A 133 -15.36 -1.22 -27.89
CA TRP A 133 -14.97 -0.60 -26.63
C TRP A 133 -16.00 -0.78 -25.52
N THR A 134 -15.52 -0.62 -24.29
CA THR A 134 -16.34 -0.67 -23.07
C THR A 134 -16.09 0.59 -22.23
N ALA A 135 -17.18 1.31 -21.97
CA ALA A 135 -17.18 2.55 -21.23
C ALA A 135 -17.59 2.26 -19.79
N ALA A 136 -16.87 2.84 -18.84
CA ALA A 136 -17.13 2.57 -17.44
C ALA A 136 -18.32 3.34 -16.92
N ASP A 137 -18.57 4.50 -17.54
CA ASP A 137 -19.56 5.44 -17.06
C ASP A 137 -20.14 6.21 -18.21
N MET A 138 -21.15 7.00 -17.89
CA MET A 138 -21.87 7.72 -18.89
C MET A 138 -20.95 8.68 -19.66
N ALA A 139 -20.18 9.46 -18.94
CA ALA A 139 -19.31 10.40 -19.63
C ALA A 139 -18.46 9.73 -20.69
N ALA A 140 -17.90 8.57 -20.33
CA ALA A 140 -17.01 7.83 -21.20
C ALA A 140 -17.63 7.48 -22.55
N GLN A 141 -18.96 7.42 -22.61
CA GLN A 141 -19.63 6.97 -23.82
C GLN A 141 -19.43 7.93 -24.99
N THR A 142 -19.22 9.21 -24.66
CA THR A 142 -18.92 10.20 -25.67
C THR A 142 -17.59 9.89 -26.35
N THR A 143 -16.56 9.60 -25.56
CA THR A 143 -15.22 9.23 -26.06
C THR A 143 -15.29 7.96 -26.90
N LYS A 144 -16.24 7.08 -26.60
CA LYS A 144 -16.31 5.83 -27.31
C LYS A 144 -16.81 6.21 -28.67
N HIS A 145 -17.91 6.97 -28.65
CA HIS A 145 -18.63 7.32 -29.86
C HIS A 145 -17.70 8.08 -30.78
N LYS A 146 -16.96 9.03 -30.20
CA LYS A 146 -15.91 9.66 -30.95
C LYS A 146 -14.95 8.64 -31.59
N TRP A 147 -14.54 7.61 -30.81
CA TRP A 147 -13.40 6.75 -31.17
C TRP A 147 -13.72 5.64 -32.16
N GLU A 148 -14.95 5.15 -32.12
CA GLU A 148 -15.33 4.09 -33.03
C GLU A 148 -15.61 4.66 -34.41
N ALA A 149 -15.86 5.96 -34.42
CA ALA A 149 -16.16 6.73 -35.61
C ALA A 149 -14.91 7.30 -36.25
N ALA A 150 -13.89 7.57 -35.45
CA ALA A 150 -12.62 8.08 -35.98
C ALA A 150 -11.60 6.96 -36.14
N HIS A 151 -12.01 5.75 -35.81
CA HIS A 151 -11.26 4.56 -36.21
C HIS A 151 -10.01 4.37 -35.35
N VAL A 152 -10.22 4.10 -34.06
CA VAL A 152 -9.13 3.88 -33.13
C VAL A 152 -9.06 2.39 -32.80
N ALA A 153 -10.22 1.78 -32.59
CA ALA A 153 -10.30 0.34 -32.35
C ALA A 153 -9.64 -0.50 -33.47
N GLU A 154 -9.65 0.04 -34.69
CA GLU A 154 -9.16 -0.69 -35.85
C GLU A 154 -7.68 -0.36 -36.11
N GLN A 155 -7.31 0.90 -35.88
CA GLN A 155 -5.94 1.31 -36.09
C GLN A 155 -5.06 0.90 -34.95
N LEU A 156 -5.69 0.46 -33.87
CA LEU A 156 -4.96 -0.07 -32.72
C LEU A 156 -4.67 -1.57 -32.84
N ARG A 157 -5.61 -2.35 -33.38
CA ARG A 157 -5.40 -3.80 -33.56
C ARG A 157 -4.17 -4.11 -34.42
N ALA A 158 -3.73 -3.11 -35.19
CA ALA A 158 -2.59 -3.20 -36.11
C ALA A 158 -1.23 -3.03 -35.43
N TYR A 159 -1.24 -2.29 -34.33
CA TYR A 159 -0.06 -2.10 -33.52
C TYR A 159 0.07 -3.27 -32.58
N LEU A 160 -1.06 -3.78 -32.12
CA LEU A 160 -1.01 -4.83 -31.15
C LEU A 160 -0.65 -6.15 -31.78
N GLU A 161 -1.54 -6.68 -32.65
CA GLU A 161 -1.37 -7.99 -33.29
C GLU A 161 -0.24 -7.97 -34.30
N GLY A 162 0.26 -6.77 -34.61
CA GLY A 162 1.33 -6.59 -35.56
C GLY A 162 2.60 -6.23 -34.84
N THR A 163 2.99 -4.96 -34.92
CA THR A 163 4.39 -4.58 -34.72
C THR A 163 4.78 -4.66 -33.24
N CYS A 164 3.79 -4.88 -32.39
CA CYS A 164 4.03 -4.94 -30.95
C CYS A 164 4.67 -6.26 -30.54
N VAL A 165 3.93 -7.34 -30.73
CA VAL A 165 4.50 -8.66 -30.64
C VAL A 165 5.86 -8.76 -31.33
N GLU A 166 5.94 -8.30 -32.58
CA GLU A 166 7.15 -8.41 -33.38
C GLU A 166 8.33 -7.85 -32.65
N TRP A 167 8.25 -6.59 -32.26
CA TRP A 167 9.31 -5.99 -31.48
C TRP A 167 9.53 -6.63 -30.10
N LEU A 168 8.50 -7.26 -29.54
CA LEU A 168 8.64 -7.99 -28.27
C LEU A 168 9.64 -9.17 -28.43
N ARG A 169 9.30 -10.12 -29.32
CA ARG A 169 10.19 -11.21 -29.75
C ARG A 169 11.59 -10.74 -30.06
N ARG A 170 11.68 -9.59 -30.72
CA ARG A 170 12.94 -8.90 -30.91
C ARG A 170 13.62 -8.53 -29.56
N TYR A 171 12.84 -8.14 -28.55
CA TYR A 171 13.44 -7.73 -27.27
C TYR A 171 13.89 -8.94 -26.46
N LEU A 172 13.09 -10.01 -26.52
CA LEU A 172 13.43 -11.34 -26.00
C LEU A 172 14.85 -11.85 -26.39
N GLU A 173 15.20 -11.69 -27.66
CA GLU A 173 16.44 -12.23 -28.15
C GLU A 173 17.54 -11.38 -27.64
N ASN A 174 17.45 -10.10 -27.96
CA ASN A 174 18.46 -9.12 -27.54
C ASN A 174 18.70 -9.18 -26.03
N GLY A 175 17.80 -9.82 -25.29
CA GLY A 175 17.99 -9.96 -23.86
C GLY A 175 17.61 -11.30 -23.27
N LYS A 176 17.77 -12.38 -24.02
CA LYS A 176 17.47 -13.71 -23.53
C LYS A 176 18.18 -14.00 -22.21
N GLU A 177 19.46 -13.63 -22.14
CA GLU A 177 20.26 -13.88 -20.95
C GLU A 177 19.48 -13.57 -19.69
N THR A 178 18.53 -12.64 -19.81
CA THR A 178 17.63 -12.31 -18.70
C THR A 178 16.15 -12.66 -18.81
N LEU A 179 15.47 -11.98 -19.73
CA LEU A 179 14.03 -12.20 -19.94
C LEU A 179 13.65 -13.67 -20.22
N GLN A 180 14.60 -14.51 -20.59
CA GLN A 180 14.23 -15.92 -20.87
C GLN A 180 14.79 -16.85 -19.79
N ARG A 181 15.65 -16.31 -18.93
CA ARG A 181 16.29 -17.09 -17.89
C ARG A 181 15.47 -16.77 -16.67
N THR A 182 15.90 -17.25 -15.51
CA THR A 182 15.09 -17.51 -14.31
C THR A 182 15.97 -17.37 -13.06
N ASP A 183 15.35 -17.26 -11.91
CA ASP A 183 16.03 -17.37 -10.62
C ASP A 183 14.99 -17.99 -9.66
N ALA A 184 15.18 -19.25 -9.28
CA ALA A 184 14.28 -19.86 -8.30
C ALA A 184 14.53 -19.18 -6.95
N PRO A 185 13.61 -19.36 -5.99
CA PRO A 185 13.68 -18.66 -4.71
C PRO A 185 14.55 -19.34 -3.61
N LYS A 186 15.47 -18.57 -3.01
CA LYS A 186 16.27 -19.02 -1.88
C LYS A 186 15.45 -18.95 -0.59
N THR A 187 14.92 -20.09 -0.12
CA THR A 187 14.01 -20.04 1.04
C THR A 187 14.58 -20.31 2.43
N HIS A 188 14.12 -19.57 3.45
CA HIS A 188 14.54 -19.75 4.85
C HIS A 188 13.49 -19.32 5.91
N MET A 189 13.65 -19.78 7.15
CA MET A 189 12.74 -19.44 8.26
C MET A 189 13.44 -18.66 9.37
N THR A 190 12.67 -17.85 10.09
CA THR A 190 13.15 -17.10 11.24
C THR A 190 12.12 -17.20 12.35
N HIS A 191 12.59 -17.10 13.59
CA HIS A 191 11.80 -17.22 14.85
C HIS A 191 11.88 -15.87 15.55
N HIS A 192 10.77 -15.36 16.09
CA HIS A 192 10.78 -14.07 16.74
C HIS A 192 9.86 -14.16 17.93
N ALA A 193 10.32 -13.81 19.12
CA ALA A 193 9.43 -14.08 20.27
C ALA A 193 8.54 -12.89 20.47
N VAL A 194 7.29 -13.16 20.85
CA VAL A 194 6.24 -12.16 21.12
C VAL A 194 6.11 -12.16 22.66
N SER A 195 6.09 -13.34 23.24
CA SER A 195 6.04 -13.46 24.68
C SER A 195 6.79 -14.72 25.07
N ASP A 196 6.68 -15.13 26.33
CA ASP A 196 7.20 -16.43 26.80
C ASP A 196 6.33 -17.58 26.27
N HIS A 197 5.12 -17.26 25.82
CA HIS A 197 4.19 -18.31 25.35
C HIS A 197 3.99 -18.36 23.85
N GLU A 198 4.33 -17.27 23.15
CA GLU A 198 4.12 -17.18 21.70
C GLU A 198 5.29 -16.60 20.99
N ALA A 199 5.47 -17.08 19.76
CA ALA A 199 6.49 -16.62 18.80
C ALA A 199 5.89 -16.49 17.39
N THR A 200 6.59 -15.80 16.51
CA THR A 200 6.17 -15.68 15.15
C THR A 200 7.14 -16.52 14.34
N LEU A 201 6.62 -17.30 13.40
CA LEU A 201 7.43 -18.03 12.48
C LEU A 201 7.34 -17.34 11.10
N ARG A 202 8.42 -16.71 10.66
CA ARG A 202 8.39 -16.05 9.36
C ARG A 202 9.13 -16.82 8.28
N CYS A 203 8.41 -17.10 7.21
CA CYS A 203 8.87 -17.94 6.08
C CYS A 203 9.32 -17.03 4.98
N TRP A 204 10.56 -17.12 4.56
CA TRP A 204 11.06 -16.19 3.55
C TRP A 204 11.31 -16.87 2.22
N ALA A 205 11.18 -16.07 1.17
CA ALA A 205 11.50 -16.52 -0.18
C ALA A 205 12.20 -15.32 -0.82
N LEU A 206 13.45 -15.47 -1.26
CA LEU A 206 14.14 -14.32 -1.83
C LEU A 206 14.78 -14.49 -3.21
N SER A 207 15.33 -13.37 -3.70
CA SER A 207 16.03 -13.27 -4.97
C SER A 207 15.51 -13.97 -6.24
N PHE A 208 14.19 -14.10 -6.35
CA PHE A 208 13.52 -14.73 -7.52
C PHE A 208 12.88 -13.90 -8.66
N TYR A 209 12.27 -14.64 -9.61
CA TYR A 209 11.80 -14.15 -10.92
C TYR A 209 11.15 -15.33 -11.65
N PRO A 210 9.94 -15.17 -12.16
CA PRO A 210 9.03 -14.02 -12.16
C PRO A 210 8.38 -13.80 -10.77
N ALA A 211 7.80 -12.62 -10.62
CA ALA A 211 7.09 -12.19 -9.42
C ALA A 211 6.07 -13.19 -8.92
N GLU A 212 5.23 -13.74 -9.81
CA GLU A 212 4.25 -14.75 -9.39
C GLU A 212 4.85 -15.77 -8.40
N ILE A 213 4.23 -15.94 -7.22
CA ILE A 213 4.71 -16.91 -6.21
C ILE A 213 3.58 -17.22 -5.25
N THR A 214 3.65 -18.34 -4.52
CA THR A 214 2.67 -18.57 -3.45
C THR A 214 3.32 -19.17 -2.20
N LEU A 215 3.02 -18.57 -1.04
CA LEU A 215 3.52 -19.04 0.26
C LEU A 215 2.36 -19.50 1.11
N THR A 216 2.40 -20.74 1.59
CA THR A 216 1.30 -21.29 2.40
C THR A 216 1.78 -21.85 3.73
N TRP A 217 1.05 -21.57 4.80
CA TRP A 217 1.41 -22.07 6.11
C TRP A 217 0.41 -23.17 6.45
N GLN A 218 0.92 -24.34 6.83
CA GLN A 218 0.05 -25.42 7.31
C GLN A 218 0.24 -25.74 8.76
N ARG A 219 -0.74 -26.39 9.36
CA ARG A 219 -0.62 -26.88 10.73
C ARG A 219 -0.97 -28.36 10.83
N ASP A 220 0.04 -29.22 10.67
CA ASP A 220 -0.18 -30.66 10.57
C ASP A 220 -0.78 -31.01 9.22
N GLY A 221 -0.85 -30.03 8.34
CA GLY A 221 -1.47 -30.21 7.02
C GLY A 221 -2.58 -29.20 6.78
N GLU A 222 -3.43 -29.01 7.80
CA GLU A 222 -4.54 -28.02 7.77
C GLU A 222 -4.06 -26.59 7.47
N ASP A 223 -4.44 -26.06 6.30
CA ASP A 223 -4.07 -24.68 5.93
C ASP A 223 -4.38 -23.64 7.04
N GLN A 224 -3.41 -22.77 7.33
CA GLN A 224 -3.60 -21.70 8.30
C GLN A 224 -3.76 -20.42 7.49
N THR A 225 -4.44 -20.51 6.35
CA THR A 225 -4.75 -19.33 5.56
C THR A 225 -5.15 -18.15 6.43
N GLN A 226 -6.07 -18.40 7.36
CA GLN A 226 -6.73 -17.31 8.10
C GLN A 226 -5.85 -16.49 9.05
N ASP A 227 -4.95 -17.15 9.79
CA ASP A 227 -4.10 -16.45 10.80
C ASP A 227 -2.64 -16.27 10.33
N THR A 228 -2.52 -15.95 9.04
CA THR A 228 -1.27 -15.81 8.33
C THR A 228 -1.16 -14.34 7.95
N GLU A 229 -0.01 -13.72 8.23
CA GLU A 229 0.33 -12.41 7.64
C GLU A 229 1.17 -12.56 6.31
N LEU A 230 0.82 -11.77 5.30
CA LEU A 230 1.51 -11.80 4.04
C LEU A 230 1.89 -10.40 3.72
N VAL A 231 3.07 -10.20 3.16
CA VAL A 231 3.46 -8.88 2.73
C VAL A 231 3.32 -8.82 1.22
N GLU A 232 2.99 -7.64 0.73
CA GLU A 232 2.97 -7.46 -0.71
C GLU A 232 4.32 -7.96 -1.29
N THR A 233 4.27 -8.68 -2.42
CA THR A 233 5.50 -9.07 -3.09
C THR A 233 6.27 -7.83 -3.52
N ARG A 234 7.49 -7.67 -2.99
CA ARG A 234 8.30 -6.48 -3.21
C ARG A 234 9.49 -6.73 -4.11
N PRO A 235 10.06 -5.63 -4.65
CA PRO A 235 11.23 -5.65 -5.56
C PRO A 235 12.58 -5.54 -4.84
N ALA A 236 13.51 -6.45 -5.18
CA ALA A 236 14.84 -6.44 -4.58
C ALA A 236 15.64 -5.31 -5.20
N GLY A 237 15.47 -5.11 -6.50
CA GLY A 237 16.08 -3.99 -7.19
C GLY A 237 17.24 -4.41 -8.07
N ASP A 238 17.40 -5.71 -8.24
CA ASP A 238 18.27 -6.24 -9.28
C ASP A 238 17.49 -7.08 -10.29
N GLY A 239 16.18 -6.87 -10.33
CA GLY A 239 15.31 -7.65 -11.18
C GLY A 239 14.80 -8.90 -10.47
N THR A 240 14.97 -8.94 -9.15
CA THR A 240 14.43 -10.03 -8.35
C THR A 240 13.44 -9.58 -7.29
N PHE A 241 12.59 -10.51 -6.86
CA PHE A 241 11.59 -10.24 -5.87
C PHE A 241 11.73 -11.00 -4.56
N GLN A 242 11.21 -10.42 -3.48
CA GLN A 242 11.19 -11.03 -2.17
C GLN A 242 9.75 -11.17 -1.71
N LYS A 243 9.54 -11.92 -0.63
CA LYS A 243 8.23 -12.06 0.02
C LYS A 243 8.28 -12.94 1.24
N TRP A 244 7.39 -12.73 2.22
CA TRP A 244 7.32 -13.60 3.36
C TRP A 244 5.91 -13.88 3.90
N ALA A 245 5.76 -14.98 4.64
CA ALA A 245 4.49 -15.33 5.25
C ALA A 245 4.76 -15.60 6.72
N ALA A 246 3.80 -15.32 7.59
CA ALA A 246 4.09 -15.45 8.99
C ALA A 246 2.89 -15.86 9.88
N VAL A 247 3.14 -16.79 10.79
CA VAL A 247 2.12 -17.26 11.75
C VAL A 247 2.61 -17.17 13.18
N VAL A 248 1.71 -16.76 14.07
CA VAL A 248 1.97 -16.83 15.49
C VAL A 248 1.64 -18.23 15.97
N VAL A 249 2.58 -18.83 16.71
CA VAL A 249 2.46 -20.22 17.14
C VAL A 249 2.65 -20.23 18.67
N PRO A 250 2.12 -21.27 19.38
CA PRO A 250 2.36 -21.43 20.81
C PRO A 250 3.78 -21.90 21.03
N SER A 251 4.48 -21.34 22.02
CA SER A 251 5.87 -21.76 22.29
C SER A 251 5.92 -23.25 22.63
N GLY A 252 6.78 -23.98 21.95
CA GLY A 252 6.87 -25.42 22.08
C GLY A 252 6.25 -26.14 20.89
N GLN A 253 5.30 -25.50 20.21
CA GLN A 253 4.59 -26.19 19.14
C GLN A 253 5.19 -25.95 17.75
N GLU A 254 6.36 -25.31 17.69
CA GLU A 254 7.00 -24.90 16.43
C GLU A 254 7.09 -26.02 15.41
N GLN A 255 7.43 -27.23 15.84
CA GLN A 255 7.59 -28.41 14.91
C GLN A 255 6.32 -28.86 14.16
N ARG A 256 5.17 -28.34 14.60
CA ARG A 256 3.83 -28.66 14.04
C ARG A 256 3.55 -28.00 12.71
N TYR A 257 4.28 -26.93 12.41
CA TYR A 257 4.00 -26.10 11.23
C TYR A 257 4.98 -26.30 10.09
N THR A 258 4.49 -26.13 8.88
CA THR A 258 5.31 -26.24 7.68
C THR A 258 4.90 -25.15 6.70
N CYS A 259 5.89 -24.62 5.99
CA CYS A 259 5.67 -23.59 5.05
C CYS A 259 5.90 -24.17 3.66
N HIS A 260 4.89 -24.07 2.80
CA HIS A 260 4.92 -24.56 1.43
C HIS A 260 5.18 -23.43 0.45
N VAL A 261 6.01 -23.72 -0.55
CA VAL A 261 6.45 -22.71 -1.48
C VAL A 261 6.28 -23.17 -2.92
N GLN A 262 5.18 -22.72 -3.54
CA GLN A 262 4.95 -23.04 -4.93
C GLN A 262 5.47 -21.93 -5.81
N HIS A 263 6.23 -22.32 -6.82
CA HIS A 263 6.79 -21.38 -7.76
C HIS A 263 7.05 -22.13 -9.06
N GLU A 264 7.24 -21.36 -10.12
CA GLU A 264 7.56 -21.85 -11.46
C GLU A 264 9.01 -22.40 -11.58
N GLY A 265 9.99 -21.65 -11.11
CA GLY A 265 11.39 -22.10 -11.10
C GLY A 265 11.72 -23.11 -10.00
N LEU A 266 10.75 -24.00 -9.69
CA LEU A 266 10.89 -25.05 -8.67
C LEU A 266 10.25 -26.33 -9.16
N PRO A 267 11.09 -27.32 -9.56
CA PRO A 267 10.61 -28.60 -10.11
C PRO A 267 9.55 -29.21 -9.20
N LYS A 268 9.87 -29.30 -7.92
CA LYS A 268 8.91 -29.75 -6.94
C LYS A 268 8.45 -28.61 -6.05
N PRO A 269 7.24 -28.68 -5.53
CA PRO A 269 6.86 -27.71 -4.53
C PRO A 269 7.71 -28.00 -3.30
N LEU A 270 7.98 -26.97 -2.48
CA LEU A 270 8.79 -27.12 -1.27
C LEU A 270 7.93 -27.31 -0.04
N THR A 271 8.60 -27.64 1.06
CA THR A 271 8.01 -27.77 2.39
C THR A 271 9.15 -27.48 3.37
N LEU A 272 8.95 -26.49 4.26
CA LEU A 272 9.95 -26.20 5.30
C LEU A 272 9.43 -26.30 6.74
N ARG A 273 10.24 -26.89 7.61
CA ARG A 273 9.88 -27.00 9.03
C ARG A 273 10.92 -26.19 9.82
N TRP A 274 10.51 -25.64 10.96
CA TRP A 274 11.41 -24.92 11.82
C TRP A 274 12.44 -25.87 12.41
N GLU A 275 12.00 -27.05 12.82
CA GLU A 275 12.94 -27.98 13.42
C GLU A 275 12.70 -29.37 12.86
N PRO A 276 13.52 -29.75 11.84
CA PRO A 276 13.43 -30.99 11.06
C PRO A 276 13.65 -32.31 11.85
N ILE B 1 -11.73 9.41 -5.62
CA ILE B 1 -11.15 8.34 -4.72
C ILE B 1 -9.62 8.48 -4.51
N GLN B 2 -9.22 8.38 -3.25
CA GLN B 2 -7.81 8.51 -2.87
C GLN B 2 -7.35 7.25 -2.15
N ARG B 3 -6.08 6.95 -2.26
CA ARG B 3 -5.49 5.77 -1.59
C ARG B 3 -4.22 6.10 -0.83
N THR B 4 -4.22 5.71 0.42
CA THR B 4 -3.07 5.82 1.33
C THR B 4 -1.99 4.74 1.04
N PRO B 5 -0.73 5.11 1.02
CA PRO B 5 0.34 4.20 0.62
C PRO B 5 0.77 3.18 1.66
N LYS B 6 1.15 2.00 1.18
CA LYS B 6 1.70 0.98 1.99
C LYS B 6 3.18 1.22 1.91
N ILE B 7 3.91 0.92 2.99
CA ILE B 7 5.34 1.06 3.02
C ILE B 7 6.06 -0.22 3.46
N GLN B 8 7.14 -0.58 2.78
CA GLN B 8 8.00 -1.65 3.24
C GLN B 8 9.44 -1.14 3.22
N VAL B 9 10.09 -1.16 4.38
CA VAL B 9 11.53 -0.90 4.44
C VAL B 9 12.32 -2.19 4.63
N TYR B 10 13.33 -2.39 3.79
CA TYR B 10 14.08 -3.63 3.78
C TYR B 10 15.38 -3.47 2.99
N SER B 11 15.97 -4.60 2.61
CA SER B 11 17.27 -4.61 1.97
C SER B 11 17.35 -5.61 0.84
N ARG B 12 18.27 -5.38 -0.09
CA ARG B 12 18.34 -6.18 -1.31
C ARG B 12 19.15 -7.44 -1.06
N HIS B 13 19.78 -7.51 0.11
CA HIS B 13 20.43 -8.70 0.56
C HIS B 13 20.30 -8.84 2.05
N PRO B 14 20.45 -10.09 2.54
CA PRO B 14 20.33 -10.38 4.00
C PRO B 14 21.30 -9.52 4.76
N ALA B 15 20.79 -8.84 5.76
CA ALA B 15 21.61 -7.90 6.49
C ALA B 15 22.74 -8.62 7.23
N GLU B 16 23.86 -7.90 7.38
CA GLU B 16 25.04 -8.40 8.08
C GLU B 16 25.82 -7.12 8.35
N ASN B 17 26.35 -7.01 9.56
CA ASN B 17 26.78 -5.73 10.14
C ASN B 17 28.10 -5.31 9.48
N GLY B 18 28.79 -6.28 8.89
CA GLY B 18 30.00 -6.01 8.12
C GLY B 18 29.69 -5.51 6.72
N LYS B 19 28.85 -6.24 6.02
CA LYS B 19 28.66 -6.03 4.58
C LYS B 19 27.92 -4.72 4.31
N SER B 20 27.96 -4.27 3.07
CA SER B 20 27.13 -3.17 2.62
C SER B 20 26.04 -3.76 1.77
N ASN B 21 24.95 -3.02 1.58
CA ASN B 21 23.75 -3.53 0.93
C ASN B 21 22.98 -2.42 0.17
N PHE B 22 21.72 -2.74 -0.19
CA PHE B 22 20.78 -1.78 -0.76
C PHE B 22 19.64 -1.60 0.22
N LEU B 23 19.44 -0.37 0.65
CA LEU B 23 18.32 -0.05 1.51
C LEU B 23 17.08 0.26 0.65
N ASN B 24 15.98 -0.48 0.83
CA ASN B 24 14.78 -0.32 0.04
C ASN B 24 13.57 0.20 0.80
N CYS B 25 12.87 1.17 0.20
CA CYS B 25 11.60 1.67 0.73
C CYS B 25 10.57 1.59 -0.37
N TYR B 26 9.86 0.46 -0.49
CA TYR B 26 8.84 0.27 -1.50
C TYR B 26 7.47 0.76 -1.05
N VAL B 27 6.89 1.65 -1.85
CA VAL B 27 5.62 2.24 -1.46
C VAL B 27 4.69 1.90 -2.59
N SER B 28 3.51 1.34 -2.24
CA SER B 28 2.57 0.89 -3.25
C SER B 28 1.10 1.17 -2.89
N GLY B 29 0.23 0.89 -3.90
CA GLY B 29 -1.21 1.11 -3.80
C GLY B 29 -1.66 2.49 -3.41
N PHE B 30 -0.86 3.52 -3.69
CA PHE B 30 -1.28 4.90 -3.39
C PHE B 30 -1.94 5.68 -4.62
N HIS B 31 -2.92 6.56 -4.31
CA HIS B 31 -3.50 7.46 -5.31
C HIS B 31 -3.87 8.70 -4.62
N PRO B 32 -3.47 9.85 -5.14
CA PRO B 32 -2.78 10.18 -6.35
C PRO B 32 -1.28 9.97 -6.17
N SER B 33 -0.49 10.25 -7.20
CA SER B 33 0.87 9.77 -7.29
C SER B 33 1.83 10.67 -6.54
N ASP B 34 1.42 11.92 -6.32
CA ASP B 34 2.30 12.93 -5.74
C ASP B 34 2.75 12.54 -4.34
N ILE B 35 3.98 12.01 -4.25
CA ILE B 35 4.48 11.47 -2.99
C ILE B 35 5.91 11.93 -2.73
N GLU B 36 6.19 12.28 -1.48
CA GLU B 36 7.59 12.57 -1.05
C GLU B 36 8.17 11.49 -0.13
N VAL B 37 9.21 10.82 -0.60
CA VAL B 37 9.82 9.72 0.14
C VAL B 37 11.29 10.01 0.41
N ASP B 38 11.67 9.93 1.67
CA ASP B 38 13.07 10.09 2.06
C ASP B 38 13.61 8.87 2.79
N LEU B 39 14.93 8.66 2.68
CA LEU B 39 15.62 7.60 3.40
C LEU B 39 16.54 8.28 4.36
N LEU B 40 16.36 7.97 5.63
CA LEU B 40 17.15 8.60 6.70
C LEU B 40 18.10 7.65 7.41
N LYS B 41 19.35 8.10 7.52
CA LYS B 41 20.37 7.45 8.34
C LYS B 41 20.52 8.27 9.63
N ASN B 42 20.14 7.65 10.74
CA ASN B 42 20.06 8.32 12.03
C ASN B 42 19.49 9.72 12.01
N GLY B 43 18.20 9.86 11.70
CA GLY B 43 17.44 11.12 11.86
C GLY B 43 17.46 12.01 10.62
N GLU B 44 18.61 12.10 9.96
CA GLU B 44 18.82 13.12 8.95
C GLU B 44 18.71 12.53 7.57
N ARG B 45 18.41 13.37 6.60
CA ARG B 45 18.09 12.95 5.24
C ARG B 45 19.32 12.44 4.49
N ILE B 46 19.14 11.71 3.41
CA ILE B 46 20.30 11.20 2.65
C ILE B 46 20.28 11.80 1.26
N GLU B 47 21.08 12.86 1.07
CA GLU B 47 21.24 13.50 -0.22
C GLU B 47 21.57 12.42 -1.23
N LYS B 48 20.97 12.50 -2.42
CA LYS B 48 21.29 11.61 -3.56
C LYS B 48 20.76 10.21 -3.41
N VAL B 49 19.44 10.10 -3.32
CA VAL B 49 18.77 8.81 -3.24
C VAL B 49 18.18 8.58 -4.59
N GLU B 50 18.28 7.36 -5.11
CA GLU B 50 17.58 7.03 -6.34
C GLU B 50 16.11 6.60 -6.16
N HIS B 51 15.43 6.33 -7.26
CA HIS B 51 14.23 5.49 -7.25
C HIS B 51 13.93 4.95 -8.64
N SER B 52 12.82 4.23 -8.76
CA SER B 52 12.36 3.75 -10.06
C SER B 52 11.12 4.52 -10.53
N ASP B 53 10.78 4.34 -11.79
CA ASP B 53 9.85 5.27 -12.47
C ASP B 53 8.38 4.98 -12.20
N LEU B 54 7.63 6.02 -11.83
CA LEU B 54 6.23 5.85 -11.47
C LEU B 54 5.57 4.84 -12.36
N SER B 55 4.81 3.92 -11.77
CA SER B 55 4.03 2.89 -12.51
C SER B 55 2.90 2.32 -11.62
N PHE B 56 2.06 1.43 -12.15
CA PHE B 56 0.82 1.17 -11.44
C PHE B 56 0.20 -0.23 -11.60
N SER B 57 -0.65 -0.60 -10.65
CA SER B 57 -1.05 -2.00 -10.53
C SER B 57 -2.31 -2.16 -11.30
N LYS B 58 -2.86 -3.36 -11.34
CA LYS B 58 -4.11 -3.56 -12.09
C LYS B 58 -5.27 -2.62 -11.65
N ASP B 59 -5.20 -2.13 -10.41
CA ASP B 59 -6.30 -1.30 -9.88
C ASP B 59 -6.02 0.21 -10.00
N TRP B 60 -4.97 0.55 -10.74
CA TRP B 60 -4.50 1.96 -11.00
C TRP B 60 -3.86 2.63 -9.84
N SER B 61 -3.62 1.92 -8.74
CA SER B 61 -2.84 2.55 -7.68
C SER B 61 -1.35 2.46 -8.10
N PHE B 62 -0.56 3.39 -7.58
CA PHE B 62 0.86 3.53 -7.91
C PHE B 62 1.82 2.78 -6.96
N TYR B 63 3.06 2.65 -7.40
CA TYR B 63 4.13 2.06 -6.58
C TYR B 63 5.53 2.52 -7.00
N LEU B 64 6.45 2.58 -6.06
CA LEU B 64 7.75 3.17 -6.32
C LEU B 64 8.76 2.50 -5.42
N LEU B 65 10.01 2.48 -5.91
CA LEU B 65 11.11 1.96 -5.12
C LEU B 65 12.09 3.04 -4.93
N TYR B 66 12.33 3.46 -3.70
CA TYR B 66 13.38 4.39 -3.40
C TYR B 66 14.51 3.60 -2.69
N TYR B 67 15.60 3.36 -3.40
CA TYR B 67 16.70 2.57 -2.87
C TYR B 67 17.97 3.40 -2.76
N THR B 68 18.87 2.99 -1.87
CA THR B 68 20.23 3.51 -1.85
C THR B 68 21.19 2.52 -1.21
N GLU B 69 22.48 2.67 -1.52
CA GLU B 69 23.51 1.81 -0.94
C GLU B 69 23.77 2.19 0.52
N PHE B 70 24.04 1.17 1.34
CA PHE B 70 24.20 1.38 2.81
C PHE B 70 24.91 0.18 3.52
N THR B 71 25.34 0.45 4.74
CA THR B 71 26.04 -0.52 5.56
C THR B 71 25.30 -0.73 6.88
N PRO B 72 24.63 -1.88 7.02
CA PRO B 72 23.93 -2.11 8.28
C PRO B 72 24.95 -2.18 9.43
N THR B 73 24.56 -1.76 10.64
CA THR B 73 25.50 -1.56 11.75
C THR B 73 24.83 -1.93 13.03
N GLU B 74 25.64 -2.10 14.07
CA GLU B 74 25.16 -2.41 15.38
C GLU B 74 24.42 -1.19 15.92
N LYS B 75 24.98 -0.01 15.69
CA LYS B 75 24.43 1.21 16.28
C LYS B 75 23.43 1.95 15.38
N ASP B 76 23.81 2.15 14.12
CA ASP B 76 23.01 2.97 13.20
C ASP B 76 21.50 2.62 13.05
N GLU B 77 20.67 3.65 13.04
CA GLU B 77 19.21 3.54 12.88
C GLU B 77 18.73 4.13 11.55
N TYR B 78 18.39 3.26 10.57
CA TYR B 78 17.81 3.66 9.28
C TYR B 78 16.24 3.71 9.26
N ALA B 79 15.68 4.53 8.37
CA ALA B 79 14.21 4.71 8.31
C ALA B 79 13.74 5.21 6.98
N CYS B 80 12.46 5.06 6.68
CA CYS B 80 11.87 5.72 5.51
C CYS B 80 10.90 6.81 5.99
N ARG B 81 10.88 7.96 5.34
CA ARG B 81 9.95 8.99 5.79
C ARG B 81 9.04 9.41 4.63
N VAL B 82 7.77 9.01 4.72
CA VAL B 82 6.87 9.20 3.60
C VAL B 82 5.83 10.25 3.99
N ASN B 83 5.36 10.95 2.95
CA ASN B 83 4.33 11.96 3.06
C ASN B 83 3.54 12.03 1.78
N HIS B 84 2.22 12.08 1.92
CA HIS B 84 1.25 11.97 0.83
C HIS B 84 -0.01 12.67 1.28
N VAL B 85 -0.70 13.33 0.36
CA VAL B 85 -1.95 14.06 0.70
C VAL B 85 -2.87 13.32 1.64
N THR B 86 -2.88 11.98 1.60
CA THR B 86 -3.75 11.18 2.50
C THR B 86 -3.32 11.17 3.98
N LEU B 87 -2.11 11.63 4.23
CA LEU B 87 -1.57 11.64 5.58
C LEU B 87 -1.59 13.02 6.20
N SER B 88 -1.95 13.06 7.47
CA SER B 88 -1.90 14.29 8.22
C SER B 88 -0.48 14.82 8.38
N GLN B 89 0.48 13.93 8.45
CA GLN B 89 1.88 14.35 8.64
C GLN B 89 2.80 13.23 8.21
N PRO B 90 4.03 13.56 7.83
CA PRO B 90 4.94 12.50 7.32
C PRO B 90 4.96 11.27 8.23
N LYS B 91 5.17 10.10 7.64
CA LYS B 91 5.23 8.87 8.45
C LYS B 91 6.65 8.29 8.44
N ILE B 92 7.15 7.95 9.63
CA ILE B 92 8.49 7.35 9.73
C ILE B 92 8.45 5.89 10.10
N VAL B 93 8.84 5.09 9.16
CA VAL B 93 8.97 3.69 9.38
C VAL B 93 10.48 3.29 9.43
N LYS B 94 10.91 2.73 10.55
CA LYS B 94 12.29 2.36 10.74
C LYS B 94 12.56 1.03 10.04
N TRP B 95 13.83 0.83 9.65
CA TRP B 95 14.24 -0.41 9.01
C TRP B 95 14.39 -1.48 10.07
N ASP B 96 13.91 -2.68 9.77
CA ASP B 96 13.97 -3.78 10.70
C ASP B 96 14.55 -4.97 9.95
N ARG B 97 15.78 -5.31 10.30
CA ARG B 97 16.50 -6.39 9.67
C ARG B 97 15.51 -7.43 9.17
N ASP B 98 14.61 -7.86 10.04
CA ASP B 98 13.80 -9.04 9.73
C ASP B 98 12.33 -8.79 9.47
N MET B 99 11.95 -7.53 9.16
CA MET B 99 10.53 -7.12 8.90
C MET B 99 9.43 -7.12 10.02
N ARG C 1 8.60 -1.21 -29.02
CA ARG C 1 8.47 0.23 -29.33
C ARG C 1 7.06 0.69 -29.05
N GLN C 2 6.90 2.03 -28.91
CA GLN C 2 5.61 2.61 -28.49
C GLN C 2 4.49 2.45 -29.50
N ALA C 3 3.71 3.50 -29.77
CA ALA C 3 2.59 3.40 -30.72
C ALA C 3 2.09 4.78 -31.13
N SER C 4 0.82 4.80 -31.58
CA SER C 4 0.06 5.99 -32.02
C SER C 4 0.10 7.25 -31.12
N ILE C 5 -1.02 7.43 -30.40
CA ILE C 5 -1.23 8.46 -29.38
C ILE C 5 -0.57 9.79 -29.73
N GLU C 6 -1.02 10.35 -30.84
CA GLU C 6 -0.43 11.57 -31.29
C GLU C 6 -1.41 12.72 -31.34
N LEU C 7 -2.69 12.44 -31.63
CA LEU C 7 -3.68 13.52 -31.74
C LEU C 7 -3.91 13.80 -33.22
N PRO C 8 -5.00 14.48 -33.58
CA PRO C 8 -6.10 14.89 -32.74
C PRO C 8 -7.17 13.82 -32.57
N SER C 9 -7.14 12.77 -33.38
CA SER C 9 -8.14 11.69 -33.30
C SER C 9 -8.11 10.88 -32.00
N MET C 10 -6.96 10.87 -31.31
CA MET C 10 -6.79 10.11 -30.07
C MET C 10 -7.36 10.81 -28.84
N ALA C 11 -7.86 12.02 -29.01
CA ALA C 11 -8.39 12.80 -27.90
C ALA C 11 -9.64 12.14 -27.36
N VAL C 12 -9.86 12.33 -26.06
CA VAL C 12 -11.01 11.75 -25.37
C VAL C 12 -12.21 12.68 -25.43
N PRO D 1 -2.96 -16.35 40.43
CA PRO D 1 -3.34 -14.91 40.54
C PRO D 1 -3.78 -14.30 39.19
N LYS D 2 -3.55 -13.00 39.00
CA LYS D 2 -3.83 -12.31 37.73
C LYS D 2 -3.56 -10.83 37.96
N PRO D 3 -3.30 -10.04 36.88
CA PRO D 3 -3.14 -8.60 37.04
C PRO D 3 -4.11 -7.91 36.06
N THR D 4 -4.07 -6.58 36.09
CA THR D 4 -4.98 -5.75 35.31
C THR D 4 -4.27 -4.67 34.49
N LEU D 5 -4.73 -4.47 33.25
CA LEU D 5 -4.08 -3.54 32.32
C LEU D 5 -4.97 -2.37 31.84
N TRP D 6 -4.52 -1.14 32.12
CA TRP D 6 -5.26 0.08 31.83
C TRP D 6 -4.36 1.27 31.42
N ALA D 7 -4.95 2.29 30.79
CA ALA D 7 -4.18 3.43 30.28
C ALA D 7 -4.65 4.73 30.91
N GLU D 8 -3.77 5.75 30.93
CA GLU D 8 -4.05 7.09 31.46
C GLU D 8 -3.51 8.11 30.50
N PRO D 9 -4.37 9.05 30.01
CA PRO D 9 -5.76 9.33 30.38
C PRO D 9 -6.73 8.22 30.02
N GLY D 10 -6.71 7.77 28.77
CA GLY D 10 -7.56 6.67 28.31
C GLY D 10 -6.83 5.80 27.31
N SER D 11 -7.54 4.85 26.70
CA SER D 11 -6.92 3.90 25.76
C SER D 11 -7.01 4.29 24.28
N VAL D 12 -7.58 5.45 23.99
CA VAL D 12 -7.70 5.92 22.63
C VAL D 12 -7.13 7.31 22.54
N ILE D 13 -5.90 7.44 22.02
CA ILE D 13 -5.12 8.69 22.13
C ILE D 13 -4.71 9.28 20.77
N THR D 14 -4.79 10.61 20.65
CA THR D 14 -4.43 11.31 19.41
C THR D 14 -2.93 11.26 19.31
N GLN D 15 -2.40 11.26 18.09
CA GLN D 15 -0.97 11.15 17.93
C GLN D 15 -0.24 12.43 18.35
N GLY D 16 0.97 12.27 18.92
CA GLY D 16 1.76 13.38 19.43
C GLY D 16 1.49 13.69 20.89
N SER D 17 0.55 12.97 21.52
CA SER D 17 0.12 13.21 22.93
C SER D 17 0.60 12.12 23.90
N PRO D 18 0.63 12.44 25.22
CA PRO D 18 1.17 11.53 26.23
C PRO D 18 0.15 10.54 26.75
N VAL D 19 0.65 9.38 27.17
CA VAL D 19 -0.19 8.32 27.73
C VAL D 19 0.70 7.40 28.54
N THR D 20 0.10 6.67 29.49
CA THR D 20 0.83 5.68 30.27
C THR D 20 0.00 4.44 30.45
N LEU D 21 0.65 3.29 30.26
CA LEU D 21 0.00 2.00 30.49
C LEU D 21 0.33 1.54 31.88
N ARG D 22 -0.70 1.14 32.60
CA ARG D 22 -0.59 0.84 34.02
C ARG D 22 -0.95 -0.60 34.33
N CYS D 23 -0.11 -1.26 35.12
CA CYS D 23 -0.33 -2.62 35.53
C CYS D 23 -0.15 -2.77 37.06
N GLN D 24 -0.87 -3.74 37.63
CA GLN D 24 -0.80 -4.00 39.06
C GLN D 24 -1.17 -5.44 39.38
N GLY D 25 -0.44 -6.05 40.29
CA GLY D 25 -0.64 -7.45 40.63
C GLY D 25 -1.30 -7.64 41.98
N GLY D 26 -2.21 -6.72 42.31
CA GLY D 26 -2.94 -6.81 43.56
C GLY D 26 -2.02 -6.94 44.77
N GLN D 27 -0.73 -7.04 44.51
CA GLN D 27 0.20 -7.69 45.44
C GLN D 27 1.65 -7.36 45.10
N GLU D 28 2.11 -6.22 45.59
CA GLU D 28 2.78 -5.24 44.75
C GLU D 28 4.11 -5.78 44.21
N THR D 29 4.01 -6.67 43.23
CA THR D 29 5.19 -7.33 42.68
C THR D 29 5.73 -6.58 41.46
N GLN D 30 7.04 -6.56 41.31
CA GLN D 30 7.69 -5.81 40.24
C GLN D 30 8.12 -6.73 39.11
N GLU D 31 7.67 -7.98 39.17
CA GLU D 31 7.88 -8.92 38.07
C GLU D 31 6.86 -8.71 36.95
N TYR D 32 6.61 -7.44 36.62
CA TYR D 32 5.67 -7.10 35.57
C TYR D 32 6.32 -7.18 34.19
N ARG D 33 5.72 -7.96 33.30
CA ARG D 33 6.24 -8.14 31.96
C ARG D 33 5.18 -7.72 30.95
N LEU D 34 5.43 -6.63 30.21
CA LEU D 34 4.49 -6.12 29.17
C LEU D 34 4.87 -6.51 27.74
N TYR D 35 3.90 -7.02 26.99
CA TYR D 35 4.13 -7.29 25.55
C TYR D 35 2.94 -6.96 24.62
N ARG D 36 3.25 -6.81 23.32
CA ARG D 36 2.25 -6.62 22.24
C ARG D 36 2.09 -7.89 21.41
N GLU D 37 0.85 -8.29 21.18
CA GLU D 37 0.55 -9.53 20.46
C GLU D 37 0.93 -9.35 19.02
N LYS D 38 1.55 -10.36 18.41
CA LYS D 38 1.87 -10.40 16.96
C LYS D 38 3.18 -9.72 16.53
N LYS D 39 3.55 -8.65 17.22
CA LYS D 39 4.82 -7.97 16.94
C LYS D 39 5.28 -7.22 18.17
N THR D 40 6.59 -7.24 18.33
CA THR D 40 7.33 -6.71 19.45
C THR D 40 7.24 -5.20 19.60
N ALA D 41 7.12 -4.70 20.82
CA ALA D 41 7.16 -3.27 21.02
C ALA D 41 8.52 -2.86 21.52
N PRO D 42 9.34 -2.29 20.66
CA PRO D 42 10.67 -1.92 21.05
C PRO D 42 10.66 -0.88 22.14
N TRP D 43 9.62 -0.05 22.22
CA TRP D 43 9.60 1.02 23.21
C TRP D 43 9.62 0.48 24.63
N ILE D 44 8.98 -0.67 24.84
CA ILE D 44 8.84 -1.23 26.18
C ILE D 44 10.21 -1.45 26.86
N THR D 45 11.16 -1.99 26.09
CA THR D 45 12.46 -2.30 26.64
C THR D 45 13.36 -1.08 26.76
N ARG D 46 12.87 0.10 26.33
CA ARG D 46 13.61 1.37 26.54
C ARG D 46 13.12 2.11 27.79
N ILE D 47 12.33 1.43 28.58
CA ILE D 47 11.79 1.92 29.83
C ILE D 47 12.78 1.53 30.94
N PRO D 48 12.98 2.41 31.95
CA PRO D 48 13.87 2.14 33.10
C PRO D 48 13.29 1.19 34.18
N GLN D 49 14.08 0.21 34.61
CA GLN D 49 13.66 -0.90 35.45
C GLN D 49 13.00 -0.39 36.74
N GLU D 50 13.46 0.72 37.21
CA GLU D 50 12.83 1.41 38.35
C GLU D 50 11.32 1.50 38.15
N LEU D 51 10.90 1.89 36.93
CA LEU D 51 9.49 2.08 36.55
C LEU D 51 8.74 0.77 36.36
N VAL D 52 9.36 -0.17 35.65
CA VAL D 52 8.83 -1.51 35.44
C VAL D 52 8.33 -2.16 36.75
N LYS D 54 7.27 -0.77 39.16
CA LYS D 54 6.13 0.01 39.62
C LYS D 54 4.87 -0.31 38.81
N GLY D 55 5.02 -1.06 37.72
CA GLY D 55 3.90 -1.29 36.80
C GLY D 55 3.48 0.01 36.12
N GLN D 56 4.49 0.74 35.63
CA GLN D 56 4.31 2.02 34.96
C GLN D 56 5.10 2.11 33.65
N PHE D 57 4.40 2.34 32.55
CA PHE D 57 5.00 2.40 31.22
C PHE D 57 4.51 3.68 30.51
N PRO D 58 5.35 4.75 30.52
CA PRO D 58 5.02 6.04 29.92
C PRO D 58 5.44 6.27 28.47
N ILE D 59 4.62 7.09 27.78
CA ILE D 59 4.90 7.42 26.40
C ILE D 59 4.88 8.96 26.25
N PRO D 60 6.07 9.58 26.26
CA PRO D 60 6.16 11.03 26.09
C PRO D 60 5.14 11.55 25.04
N SER D 61 5.19 11.01 23.82
CA SER D 61 4.22 11.36 22.79
C SER D 61 3.96 10.16 21.85
N ILE D 62 2.73 9.64 21.89
CA ILE D 62 2.40 8.41 21.15
C ILE D 62 2.37 8.58 19.63
N THR D 63 2.90 7.58 18.95
CA THR D 63 2.81 7.54 17.48
C THR D 63 2.31 6.20 17.02
N TRP D 64 2.22 5.98 15.71
CA TRP D 64 1.61 4.76 15.23
C TRP D 64 2.35 3.52 15.73
N GLU D 65 3.65 3.68 15.92
CA GLU D 65 4.49 2.61 16.42
C GLU D 65 3.89 1.95 17.62
N HIS D 66 3.22 2.74 18.46
CA HIS D 66 2.72 2.28 19.74
C HIS D 66 1.43 1.53 19.63
N ALA D 67 0.81 1.52 18.45
CA ALA D 67 -0.56 0.97 18.32
C ALA D 67 -0.61 -0.56 18.36
N GLY D 68 -1.53 -1.12 19.15
CA GLY D 68 -1.74 -2.58 19.12
C GLY D 68 -2.51 -3.18 20.28
N ARG D 69 -2.51 -4.49 20.38
CA ARG D 69 -3.11 -5.18 21.51
C ARG D 69 -2.07 -5.63 22.57
N TYR D 70 -2.20 -5.16 23.80
CA TYR D 70 -1.18 -5.52 24.80
C TYR D 70 -1.72 -6.45 25.88
N ARG D 71 -0.83 -7.12 26.60
CA ARG D 71 -1.17 -7.94 27.76
C ARG D 71 -0.03 -7.77 28.76
N CYS D 72 -0.38 -7.92 30.03
CA CYS D 72 0.54 -7.75 31.16
C CYS D 72 0.55 -9.07 31.91
N TYR D 73 1.70 -9.45 32.45
CA TYR D 73 1.82 -10.68 33.27
C TYR D 73 3.01 -10.63 34.24
N TYR D 74 2.88 -11.29 35.42
CA TYR D 74 4.04 -11.50 36.33
C TYR D 74 4.41 -12.98 36.53
N GLY D 75 5.65 -13.21 36.94
CA GLY D 75 6.17 -14.57 37.09
C GLY D 75 7.19 -14.91 36.03
N SER D 76 7.23 -16.19 35.65
CA SER D 76 8.33 -16.71 34.85
C SER D 76 7.93 -17.99 34.13
N ASP D 77 7.29 -18.90 34.86
CA ASP D 77 7.17 -20.32 34.43
C ASP D 77 8.10 -21.18 35.28
N THR D 78 9.33 -20.71 35.46
CA THR D 78 10.24 -21.31 36.43
C THR D 78 10.48 -20.36 37.60
N ALA D 79 9.39 -19.96 38.26
CA ALA D 79 9.44 -18.89 39.25
C ALA D 79 8.04 -18.42 39.64
N GLY D 80 7.46 -17.56 38.80
CA GLY D 80 6.04 -17.28 38.87
C GLY D 80 5.22 -18.16 37.96
N ARG D 81 4.03 -17.68 37.60
CA ARG D 81 3.21 -18.33 36.58
C ARG D 81 1.84 -17.68 36.49
N SER D 82 1.78 -16.37 36.76
CA SER D 82 0.52 -15.62 36.75
C SER D 82 -0.17 -15.72 35.40
N GLU D 83 -1.49 -15.87 35.40
CA GLU D 83 -2.28 -15.69 34.18
C GLU D 83 -1.96 -14.30 33.62
N SER D 84 -2.06 -14.14 32.29
CA SER D 84 -1.76 -12.84 31.67
C SER D 84 -2.97 -11.89 31.71
N SER D 85 -2.69 -10.59 31.64
CA SER D 85 -3.72 -9.56 31.70
C SER D 85 -4.75 -9.71 30.61
N ASP D 86 -5.95 -9.18 30.86
CA ASP D 86 -6.97 -9.04 29.80
C ASP D 86 -6.43 -7.99 28.79
N PRO D 87 -6.62 -8.25 27.48
CA PRO D 87 -6.08 -7.44 26.38
C PRO D 87 -6.48 -5.99 26.43
N LEU D 88 -5.50 -5.10 26.28
CA LEU D 88 -5.76 -3.70 26.14
C LEU D 88 -5.50 -3.27 24.72
N GLU D 89 -6.55 -2.97 23.98
CA GLU D 89 -6.35 -2.41 22.68
C GLU D 89 -6.02 -0.93 22.77
N LEU D 90 -4.75 -0.58 22.58
CA LEU D 90 -4.30 0.81 22.53
C LEU D 90 -4.42 1.42 21.11
N VAL D 91 -5.28 2.44 20.99
CA VAL D 91 -5.58 3.02 19.68
C VAL D 91 -5.04 4.43 19.47
N VAL D 92 -4.25 4.60 18.42
CA VAL D 92 -3.71 5.89 18.07
C VAL D 92 -4.57 6.51 16.98
N THR D 93 -4.92 7.79 17.14
CA THR D 93 -5.75 8.48 16.18
C THR D 93 -4.95 9.58 15.48
N GLY D 94 -5.38 10.02 14.30
CA GLY D 94 -4.75 11.16 13.62
C GLY D 94 -3.75 10.75 12.60
N ALA D 95 -3.63 9.44 12.34
CA ALA D 95 -2.73 8.94 11.31
C ALA D 95 -3.04 9.49 9.92
N TYR D 96 -4.33 9.64 9.60
CA TYR D 96 -4.69 10.16 8.25
C TYR D 96 -5.63 11.34 8.34
N ILE D 97 -5.94 11.88 7.17
CA ILE D 97 -6.87 13.01 7.05
C ILE D 97 -8.30 12.64 7.40
N LYS D 98 -9.03 13.60 7.96
CA LYS D 98 -10.35 13.36 8.52
C LYS D 98 -11.47 13.07 7.50
N PRO D 99 -12.40 12.18 7.89
CA PRO D 99 -13.60 11.93 7.11
C PRO D 99 -14.58 13.09 7.33
N THR D 100 -15.80 12.99 6.81
CA THR D 100 -16.84 14.03 7.01
C THR D 100 -18.15 13.46 7.51
N LEU D 101 -18.67 14.04 8.59
CA LEU D 101 -19.88 13.51 9.22
C LEU D 101 -21.14 14.34 8.90
N SER D 102 -22.28 13.66 8.68
CA SER D 102 -23.54 14.41 8.44
C SER D 102 -24.76 13.60 8.79
N ALA D 103 -25.83 14.29 9.14
CA ALA D 103 -27.07 13.69 9.56
C ALA D 103 -28.00 13.76 8.39
N GLN D 104 -28.69 12.64 8.15
CA GLN D 104 -29.58 12.53 7.02
C GLN D 104 -30.99 12.15 7.45
N PRO D 105 -32.01 12.87 6.95
CA PRO D 105 -31.86 14.00 6.01
C PRO D 105 -31.51 15.34 6.67
N SER D 106 -31.33 15.38 7.99
CA SER D 106 -31.00 16.64 8.66
C SER D 106 -30.49 16.50 10.10
N PRO D 107 -29.72 17.49 10.58
CA PRO D 107 -29.26 17.47 11.98
C PRO D 107 -30.31 17.92 13.03
N VAL D 108 -31.46 18.41 12.59
CA VAL D 108 -32.49 18.80 13.54
C VAL D 108 -33.55 17.73 13.60
N VAL D 109 -33.79 17.23 14.79
CA VAL D 109 -34.71 16.09 15.03
C VAL D 109 -35.70 16.33 16.17
N ASN D 110 -36.97 16.05 15.91
CA ASN D 110 -38.03 16.20 16.90
C ASN D 110 -37.80 15.23 18.00
N SER D 111 -38.20 15.60 19.21
CA SER D 111 -38.04 14.76 20.38
C SER D 111 -38.52 13.32 20.19
N GLY D 112 -37.75 12.39 20.76
CA GLY D 112 -38.05 10.96 20.72
C GLY D 112 -37.95 10.28 19.38
N GLY D 113 -37.41 10.98 18.37
CA GLY D 113 -37.25 10.47 17.01
C GLY D 113 -35.84 9.95 16.79
N ASN D 114 -35.67 9.33 15.62
CA ASN D 114 -34.39 8.76 15.18
C ASN D 114 -33.75 9.50 13.99
N VAL D 115 -32.42 9.45 13.91
CA VAL D 115 -31.70 10.07 12.79
C VAL D 115 -30.56 9.17 12.23
N THR D 116 -30.32 9.32 10.94
CA THR D 116 -29.34 8.54 10.20
C THR D 116 -28.06 9.34 10.09
N LEU D 117 -26.96 8.76 10.53
CA LEU D 117 -25.71 9.48 10.41
C LEU D 117 -24.86 8.92 9.27
N GLN D 118 -24.15 9.79 8.56
CA GLN D 118 -23.35 9.37 7.41
C GLN D 118 -21.90 9.78 7.55
N CYS D 119 -21.00 8.80 7.41
CA CYS D 119 -19.56 9.04 7.58
C CYS D 119 -18.83 8.82 6.27
N ASP D 120 -18.30 9.89 5.68
CA ASP D 120 -17.78 9.84 4.33
C ASP D 120 -16.29 10.16 4.29
N SER D 121 -15.48 9.15 3.95
CA SER D 121 -14.08 9.32 3.86
C SER D 121 -13.73 9.52 2.42
N GLN D 122 -12.71 10.32 2.15
CA GLN D 122 -12.29 10.54 0.76
C GLN D 122 -11.15 9.55 0.48
N VAL D 123 -10.77 8.84 1.55
CA VAL D 123 -9.66 7.89 1.43
C VAL D 123 -10.29 6.53 1.49
N ALA D 124 -10.00 5.67 0.50
CA ALA D 124 -10.61 4.32 0.54
C ALA D 124 -10.25 3.56 1.84
N PHE D 125 -11.25 3.19 2.60
CA PHE D 125 -11.09 2.57 3.88
C PHE D 125 -12.30 1.74 4.07
N ASP D 126 -12.26 0.83 5.03
CA ASP D 126 -13.34 -0.12 5.13
C ASP D 126 -13.64 -0.31 6.55
N GLY D 127 -13.13 0.60 7.40
CA GLY D 127 -13.48 0.59 8.82
C GLY D 127 -13.97 1.95 9.25
N PHE D 128 -15.12 2.07 9.92
CA PHE D 128 -15.57 3.36 10.38
C PHE D 128 -16.09 3.22 11.77
N ILE D 129 -15.81 4.24 12.60
CA ILE D 129 -16.18 4.25 14.00
C ILE D 129 -16.95 5.54 14.24
N LEU D 130 -18.10 5.43 14.88
CA LEU D 130 -18.83 6.58 15.42
C LEU D 130 -18.82 6.58 16.95
N CYS D 131 -18.30 7.66 17.53
CA CYS D 131 -18.22 7.86 18.97
C CYS D 131 -19.05 9.06 19.43
N LYS D 132 -19.85 8.85 20.47
CA LYS D 132 -20.70 9.92 21.00
C LYS D 132 -19.95 10.71 22.05
N GLU D 133 -19.55 11.94 21.74
CA GLU D 133 -18.84 12.78 22.73
C GLU D 133 -19.74 13.38 23.81
N GLY D 134 -19.09 14.02 24.80
CA GLY D 134 -19.77 14.85 25.82
C GLY D 134 -20.02 14.11 27.16
N GLU D 137 -18.44 12.13 29.87
CA GLU D 137 -17.93 10.75 29.94
C GLU D 137 -17.08 10.34 28.73
N HIS D 138 -16.24 9.29 28.87
CA HIS D 138 -15.49 8.67 27.73
C HIS D 138 -16.46 8.26 26.61
N PRO D 139 -16.10 8.51 25.31
CA PRO D 139 -17.08 8.24 24.24
C PRO D 139 -17.69 6.82 24.25
N GLN D 140 -18.89 6.66 23.71
CA GLN D 140 -19.42 5.31 23.42
C GLN D 140 -19.29 5.12 21.91
N CYS D 141 -18.21 4.41 21.51
CA CYS D 141 -17.88 4.16 20.08
C CYS D 141 -18.52 2.91 19.50
N LEU D 142 -18.93 2.99 18.25
CA LEU D 142 -19.60 1.88 17.58
C LEU D 142 -18.85 1.57 16.30
N ASN D 143 -18.67 0.30 15.98
CA ASN D 143 -17.96 -0.13 14.77
C ASN D 143 -18.94 -0.39 13.61
N SER D 144 -18.43 -0.46 12.37
CA SER D 144 -19.23 -0.72 11.19
C SER D 144 -18.36 -0.79 9.93
N GLN D 145 -18.97 -1.32 8.87
CA GLN D 145 -18.33 -1.39 7.52
C GLN D 145 -19.09 -0.48 6.55
N PRO D 146 -18.59 -0.29 5.29
CA PRO D 146 -19.29 0.60 4.33
C PRO D 146 -20.68 0.05 3.93
N HIS D 147 -21.54 0.82 3.27
CA HIS D 147 -22.87 0.26 2.98
C HIS D 147 -22.79 -0.65 1.73
N ALA D 148 -22.25 -0.06 0.66
CA ALA D 148 -22.12 -0.67 -0.66
C ALA D 148 -20.75 -1.33 -0.81
N ARG D 149 -20.35 -1.61 -2.05
CA ARG D 149 -19.06 -2.26 -2.32
C ARG D 149 -17.85 -1.31 -2.35
N GLY D 150 -17.79 -0.44 -3.34
CA GLY D 150 -16.70 0.49 -3.32
C GLY D 150 -17.14 1.77 -2.65
N SER D 151 -17.57 1.71 -1.39
CA SER D 151 -18.21 2.91 -0.91
C SER D 151 -17.30 3.87 -0.18
N SER D 152 -16.63 3.40 0.87
CA SER D 152 -15.86 4.29 1.74
C SER D 152 -16.79 5.32 2.43
N ARG D 153 -17.99 4.84 2.70
CA ARG D 153 -19.07 5.57 3.37
C ARG D 153 -19.82 4.62 4.34
N ALA D 154 -19.94 5.00 5.58
CA ALA D 154 -20.59 4.12 6.52
C ALA D 154 -21.80 4.84 6.97
N ILE D 155 -22.85 4.11 7.29
CA ILE D 155 -24.09 4.68 7.77
C ILE D 155 -24.41 4.23 9.19
N PHE D 156 -24.77 5.14 10.08
CA PHE D 156 -25.20 4.77 11.42
C PHE D 156 -26.65 5.27 11.66
N SER D 157 -27.24 4.84 12.76
CA SER D 157 -28.63 5.11 13.09
C SER D 157 -28.69 5.39 14.57
N VAL D 158 -28.96 6.62 14.95
CA VAL D 158 -29.01 6.89 16.38
C VAL D 158 -30.43 7.13 16.78
N GLY D 159 -30.69 6.94 18.07
CA GLY D 159 -32.01 7.29 18.62
C GLY D 159 -32.73 6.21 19.42
N PRO D 160 -33.91 6.58 19.98
CA PRO D 160 -34.62 7.88 19.89
C PRO D 160 -33.96 8.99 20.72
N VAL D 161 -34.03 10.23 20.24
CA VAL D 161 -33.29 11.34 20.90
C VAL D 161 -34.14 12.19 21.83
N SER D 162 -33.50 12.87 22.77
CA SER D 162 -34.20 13.65 23.79
C SER D 162 -33.61 15.03 23.93
N PRO D 163 -34.47 16.05 24.10
CA PRO D 163 -34.04 17.45 24.28
C PRO D 163 -33.21 17.67 25.55
N SER D 164 -33.40 16.79 26.51
CA SER D 164 -32.81 16.88 27.84
C SER D 164 -31.32 16.56 27.85
N ARG D 165 -30.87 15.68 26.94
CA ARG D 165 -29.44 15.35 26.87
C ARG D 165 -28.76 15.89 25.59
N ARG D 166 -27.42 16.03 25.64
CA ARG D 166 -26.59 16.40 24.46
C ARG D 166 -26.27 15.23 23.51
N TRP D 167 -26.40 15.46 22.20
CA TRP D 167 -26.19 14.44 21.17
C TRP D 167 -25.10 14.82 20.18
N TRP D 168 -23.85 14.70 20.62
CA TRP D 168 -22.67 15.20 19.95
C TRP D 168 -21.79 14.08 19.43
N TYR D 169 -21.45 14.08 18.14
CA TYR D 169 -20.74 12.95 17.59
C TYR D 169 -19.49 13.31 16.78
N ARG D 170 -18.64 12.28 16.57
CA ARG D 170 -17.54 12.34 15.60
C ARG D 170 -17.30 10.96 14.96
N CYS D 171 -16.68 10.88 13.78
CA CYS D 171 -16.37 9.55 13.23
C CYS D 171 -14.91 9.47 12.76
N TYR D 172 -14.39 8.25 12.64
CA TYR D 172 -13.02 7.98 12.17
C TYR D 172 -13.10 6.92 11.09
N ALA D 173 -12.13 6.94 10.20
CA ALA D 173 -12.04 5.88 9.24
C ALA D 173 -10.72 5.08 9.41
N TYR D 174 -10.70 3.81 9.01
CA TYR D 174 -9.48 3.03 9.15
C TYR D 174 -9.41 1.75 8.29
N ASP D 175 -8.19 1.29 8.06
CA ASP D 175 -7.93 0.07 7.32
C ASP D 175 -8.06 -1.08 8.27
N SER D 176 -8.82 -2.08 7.88
CA SER D 176 -9.01 -3.28 8.74
C SER D 176 -7.75 -4.07 8.95
N ASN D 177 -6.75 -3.87 8.11
CA ASN D 177 -5.46 -4.55 8.30
C ASN D 177 -4.64 -4.01 9.46
N SER D 178 -4.94 -2.80 9.92
CA SER D 178 -4.28 -2.21 11.13
C SER D 178 -5.32 -1.43 11.95
N PRO D 179 -6.28 -2.18 12.53
CA PRO D 179 -7.48 -1.63 13.20
C PRO D 179 -7.17 -0.76 14.37
N TYR D 180 -5.88 -0.58 14.68
CA TYR D 180 -5.47 0.21 15.86
C TYR D 180 -4.92 1.53 15.42
N GLU D 181 -4.91 1.74 14.11
CA GLU D 181 -4.50 3.03 13.56
C GLU D 181 -5.62 3.85 12.85
N TRP D 182 -6.27 4.76 13.57
CA TRP D 182 -7.39 5.54 13.06
C TRP D 182 -6.97 6.85 12.50
N SER D 183 -7.86 7.46 11.75
CA SER D 183 -7.59 8.76 11.15
C SER D 183 -7.91 9.86 12.15
N LEU D 184 -7.63 11.10 11.71
CA LEU D 184 -8.19 12.28 12.38
C LEU D 184 -9.73 12.14 12.46
N PRO D 185 -10.32 12.67 13.51
CA PRO D 185 -11.76 12.60 13.65
C PRO D 185 -12.40 13.67 12.81
N SER D 186 -13.61 13.40 12.36
CA SER D 186 -14.41 14.40 11.64
C SER D 186 -14.70 15.51 12.64
N ASP D 187 -15.06 16.70 12.15
CA ASP D 187 -15.54 17.76 13.03
C ASP D 187 -16.69 17.23 13.82
N LEU D 188 -16.91 17.83 14.97
CA LEU D 188 -18.07 17.55 15.80
C LEU D 188 -19.40 17.78 15.05
N LEU D 189 -20.32 16.83 15.18
CA LEU D 189 -21.67 17.03 14.67
C LEU D 189 -22.67 17.06 15.82
N GLU D 190 -23.44 18.16 15.90
CA GLU D 190 -24.40 18.29 17.00
C GLU D 190 -25.81 18.09 16.49
N LEU D 191 -26.54 17.13 17.03
CA LEU D 191 -27.94 17.05 16.73
C LEU D 191 -28.72 18.14 17.49
N LEU D 192 -29.79 18.67 16.87
CA LEU D 192 -30.69 19.67 17.48
C LEU D 192 -32.10 19.06 17.60
N VAL D 193 -32.40 18.65 18.82
CA VAL D 193 -33.67 18.02 19.13
C VAL D 193 -34.65 19.14 19.40
N LEU D 194 -35.69 19.20 18.58
CA LEU D 194 -36.70 20.19 18.79
C LEU D 194 -37.46 19.74 20.03
N GLY D 195 -37.21 20.47 21.12
CA GLY D 195 -37.76 20.19 22.44
C GLY D 195 -39.26 20.17 22.51
#